data_3VA0
#
_entry.id   3VA0
#
_cell.length_a   95.688
_cell.length_b   105.807
_cell.length_c   47.074
_cell.angle_alpha   90.00
_cell.angle_beta   90.00
_cell.angle_gamma   90.00
#
_symmetry.space_group_name_H-M   'P 21 21 2'
#
loop_
_entity.id
_entity.type
_entity.pdbx_description
1 polymer 'Ribonuclease T'
2 polymer "DNA (5'-D(*GP*G)-3')"
3 non-polymer 'MAGNESIUM ION'
4 non-polymer 'COBALT (II) ION'
5 water water
#
loop_
_entity_poly.entity_id
_entity_poly.type
_entity_poly.pdbx_seq_one_letter_code
_entity_poly.pdbx_strand_id
1 'polypeptide(L)'
;MGSSHHHHHHSSGLVPRGSHMSDNAQLTGLCDRFRGFYPVVIDVETAGFNAKTDALLEIAAITLKMDEQGWLMPDTTLHF
HVEPFVGANLQPEALAFNGIDPNDPDRGAVSEYEALHEIFKVVRKGIKASGCNRAIMVAHNANFDHSFMMAAAERASLKR
NPFHPFATFDTAALAGLALGQTVLSKACQTAGMDFDSTQAHSALYDTERTAVLFCEIVNRWKRLGGWPLSAAEEV
;
A,B
2 'polydeoxyribonucleotide' (DG)(DG) C,D
#
loop_
_chem_comp.id
_chem_comp.type
_chem_comp.name
_chem_comp.formula
CO non-polymer 'COBALT (II) ION' 'Co 2'
DG DNA linking 2'-DEOXYGUANOSINE-5'-MONOPHOSPHATE 'C10 H14 N5 O7 P'
MG non-polymer 'MAGNESIUM ION' 'Mg 2'
#
# COMPACT_ATOMS: atom_id res chain seq x y z
N THR A 28 8.75 -23.54 3.22
CA THR A 28 8.77 -23.39 1.77
C THR A 28 7.37 -23.30 1.18
N GLY A 29 6.35 -23.50 2.02
CA GLY A 29 4.98 -23.44 1.57
C GLY A 29 4.46 -22.03 1.43
N LEU A 30 3.69 -21.78 0.38
CA LEU A 30 3.10 -20.46 0.14
C LEU A 30 2.28 -19.99 1.33
N CYS A 31 1.59 -20.92 1.97
CA CYS A 31 0.73 -20.59 3.12
C CYS A 31 1.53 -20.14 4.33
N ASP A 32 2.85 -20.33 4.27
CA ASP A 32 3.72 -19.98 5.38
C ASP A 32 4.42 -18.65 5.13
N ARG A 33 4.36 -18.18 3.89
CA ARG A 33 5.12 -16.99 3.50
C ARG A 33 4.51 -15.69 3.97
N PHE A 34 3.19 -15.56 3.87
CA PHE A 34 2.50 -14.34 4.28
C PHE A 34 1.37 -14.63 5.27
N ARG A 35 1.75 -15.24 6.40
CA ARG A 35 0.79 -15.65 7.42
C ARG A 35 -0.56 -16.11 6.87
N GLY A 36 -0.52 -16.93 5.82
CA GLY A 36 -1.72 -17.53 5.28
C GLY A 36 -2.42 -16.76 4.19
N PHE A 37 -1.83 -15.63 3.76
CA PHE A 37 -2.42 -14.84 2.69
C PHE A 37 -2.11 -15.42 1.32
N TYR A 38 -3.12 -15.46 0.46
CA TYR A 38 -2.97 -15.95 -0.91
C TYR A 38 -2.82 -14.76 -1.87
N PRO A 39 -1.56 -14.45 -2.25
CA PRO A 39 -1.27 -13.30 -3.10
C PRO A 39 -1.78 -13.49 -4.51
N VAL A 40 -2.70 -12.62 -4.94
CA VAL A 40 -3.21 -12.63 -6.30
C VAL A 40 -2.93 -11.29 -6.95
N VAL A 41 -2.15 -11.31 -8.03
CA VAL A 41 -1.82 -10.09 -8.74
C VAL A 41 -3.03 -9.64 -9.56
N ILE A 42 -3.32 -8.34 -9.51
CA ILE A 42 -4.48 -7.79 -10.18
C ILE A 42 -4.20 -6.42 -10.80
N ASP A 43 -4.68 -6.22 -12.02
CA ASP A 43 -4.64 -4.90 -12.62
C ASP A 43 -5.97 -4.55 -13.27
N VAL A 44 -6.34 -3.28 -13.20
CA VAL A 44 -7.60 -2.82 -13.75
C VAL A 44 -7.41 -1.65 -14.71
N GLU A 45 -8.29 -1.56 -15.70
CA GLU A 45 -8.38 -0.37 -16.53
C GLU A 45 -9.78 0.20 -16.35
N THR A 46 -9.88 1.52 -16.27
CA THR A 46 -11.13 2.15 -15.88
C THR A 46 -11.53 3.31 -16.79
N ALA A 47 -12.74 3.82 -16.57
CA ALA A 47 -13.23 4.99 -17.28
C ALA A 47 -13.20 6.21 -16.38
N GLY A 48 -12.33 6.19 -15.38
CA GLY A 48 -12.20 7.31 -14.45
C GLY A 48 -11.45 6.98 -13.17
N PHE A 49 -11.40 7.95 -12.27
CA PHE A 49 -10.67 7.79 -11.01
C PHE A 49 -11.56 7.34 -9.85
N ASN A 50 -12.88 7.46 -10.02
CA ASN A 50 -13.81 7.12 -8.95
C ASN A 50 -14.35 5.70 -9.07
N ALA A 51 -14.03 4.86 -8.10
CA ALA A 51 -14.44 3.46 -8.10
C ALA A 51 -15.95 3.31 -7.94
N LYS A 52 -16.57 4.24 -7.21
CA LYS A 52 -18.00 4.19 -6.96
C LYS A 52 -18.80 4.48 -8.23
N THR A 53 -18.34 5.47 -9.00
CA THR A 53 -19.13 6.01 -10.10
C THR A 53 -18.63 5.59 -11.47
N ASP A 54 -17.32 5.50 -11.64
CA ASP A 54 -16.73 5.22 -12.94
C ASP A 54 -16.74 3.73 -13.31
N ALA A 55 -16.84 3.46 -14.60
CA ALA A 55 -16.95 2.08 -15.09
C ALA A 55 -15.63 1.31 -15.00
N LEU A 56 -15.74 0.02 -14.77
CA LEU A 56 -14.61 -0.89 -14.86
C LEU A 56 -14.59 -1.43 -16.28
N LEU A 57 -13.44 -1.37 -16.95
CA LEU A 57 -13.34 -1.72 -18.36
C LEU A 57 -12.46 -2.94 -18.63
N GLU A 58 -11.44 -3.11 -17.81
CA GLU A 58 -10.52 -4.25 -17.94
C GLU A 58 -10.07 -4.75 -16.56
N ILE A 59 -9.94 -6.07 -16.44
CA ILE A 59 -9.37 -6.65 -15.23
C ILE A 59 -8.62 -7.94 -15.54
N ALA A 60 -7.42 -8.06 -15.00
CA ALA A 60 -6.61 -9.26 -15.16
C ALA A 60 -6.21 -9.79 -13.79
N ALA A 61 -6.04 -11.10 -13.71
CA ALA A 61 -5.71 -11.74 -12.44
C ALA A 61 -4.67 -12.84 -12.64
N ILE A 62 -3.65 -12.83 -11.79
CA ILE A 62 -2.62 -13.84 -11.84
C ILE A 62 -2.32 -14.39 -10.46
N THR A 63 -2.76 -15.61 -10.20
CA THR A 63 -2.44 -16.29 -8.96
C THR A 63 -0.97 -16.71 -8.98
N LEU A 64 -0.40 -16.89 -7.80
CA LEU A 64 0.98 -17.30 -7.69
C LEU A 64 1.08 -18.66 -7.02
N LYS A 65 2.23 -19.31 -7.17
CA LYS A 65 2.48 -20.59 -6.53
C LYS A 65 3.96 -20.68 -6.15
N MET A 66 4.25 -21.47 -5.12
CA MET A 66 5.65 -21.71 -4.74
C MET A 66 6.04 -23.13 -5.08
N ASP A 67 7.23 -23.29 -5.65
CA ASP A 67 7.76 -24.61 -5.91
C ASP A 67 8.15 -25.26 -4.59
N GLU A 68 8.83 -26.40 -4.68
CA GLU A 68 9.19 -27.15 -3.48
C GLU A 68 10.25 -26.42 -2.64
N GLN A 69 11.10 -25.65 -3.30
CA GLN A 69 12.19 -24.96 -2.63
C GLN A 69 11.74 -23.61 -2.09
N GLY A 70 10.47 -23.27 -2.30
CA GLY A 70 9.91 -22.05 -1.77
C GLY A 70 10.11 -20.84 -2.66
N TRP A 71 10.36 -21.08 -3.94
CA TRP A 71 10.47 -20.00 -4.91
C TRP A 71 9.10 -19.63 -5.46
N LEU A 72 8.85 -18.34 -5.63
CA LEU A 72 7.54 -17.85 -6.05
C LEU A 72 7.47 -17.64 -7.56
N MET A 73 6.33 -17.99 -8.15
CA MET A 73 6.14 -17.83 -9.59
C MET A 73 4.67 -17.76 -9.98
N PRO A 74 4.37 -17.19 -11.15
CA PRO A 74 3.00 -17.10 -11.67
C PRO A 74 2.37 -18.47 -11.82
N ASP A 75 1.07 -18.56 -11.53
CA ASP A 75 0.35 -19.83 -11.61
C ASP A 75 -0.71 -19.78 -12.71
N THR A 76 -1.89 -19.28 -12.36
CA THR A 76 -2.99 -19.19 -13.32
C THR A 76 -3.25 -17.74 -13.74
N THR A 77 -3.54 -17.54 -15.02
CA THR A 77 -3.73 -16.18 -15.54
C THR A 77 -5.12 -15.97 -16.13
N LEU A 78 -5.81 -14.93 -15.67
CA LEU A 78 -7.12 -14.57 -16.19
C LEU A 78 -7.13 -13.12 -16.70
N HIS A 79 -7.96 -12.85 -17.70
CA HIS A 79 -8.05 -11.52 -18.27
C HIS A 79 -9.41 -11.30 -18.92
N PHE A 80 -9.99 -10.12 -18.71
CA PHE A 80 -11.32 -9.83 -19.21
C PHE A 80 -11.48 -8.38 -19.66
N HIS A 81 -12.23 -8.20 -20.75
CA HIS A 81 -12.76 -6.89 -21.09
C HIS A 81 -14.12 -6.79 -20.43
N VAL A 82 -14.37 -5.67 -19.74
CA VAL A 82 -15.55 -5.57 -18.89
C VAL A 82 -16.60 -4.59 -19.41
N GLU A 83 -17.85 -5.02 -19.42
CA GLU A 83 -18.98 -4.15 -19.75
C GLU A 83 -19.16 -3.11 -18.66
N PRO A 84 -19.36 -1.84 -19.06
CA PRO A 84 -19.65 -0.79 -18.08
C PRO A 84 -20.97 -1.10 -17.39
N PHE A 85 -20.99 -1.11 -16.06
CA PHE A 85 -22.24 -1.36 -15.35
C PHE A 85 -23.24 -0.27 -15.71
N VAL A 86 -24.51 -0.65 -15.83
CA VAL A 86 -25.56 0.30 -16.21
C VAL A 86 -25.66 1.44 -15.19
N GLY A 87 -25.57 2.66 -15.69
CA GLY A 87 -25.59 3.84 -14.84
C GLY A 87 -24.20 4.33 -14.49
N ALA A 88 -23.20 3.80 -15.17
CA ALA A 88 -21.81 4.14 -14.89
C ALA A 88 -21.36 5.36 -15.68
N ASN A 89 -20.57 6.22 -15.04
CA ASN A 89 -19.99 7.38 -15.72
C ASN A 89 -18.76 6.98 -16.52
N LEU A 90 -18.48 7.73 -17.58
CA LEU A 90 -17.35 7.43 -18.45
C LEU A 90 -16.59 8.69 -18.81
N GLN A 91 -15.54 8.99 -18.05
CA GLN A 91 -14.73 10.17 -18.30
C GLN A 91 -13.98 10.07 -19.62
N PRO A 92 -14.26 11.01 -20.53
CA PRO A 92 -13.58 11.05 -21.84
C PRO A 92 -12.07 11.15 -21.68
N GLU A 93 -11.61 11.79 -20.61
CA GLU A 93 -10.18 11.88 -20.33
C GLU A 93 -9.60 10.49 -20.14
N ALA A 94 -10.33 9.63 -19.42
CA ALA A 94 -9.90 8.27 -19.16
C ALA A 94 -9.83 7.45 -20.45
N LEU A 95 -10.89 7.53 -21.25
CA LEU A 95 -10.93 6.83 -22.53
C LEU A 95 -9.81 7.27 -23.46
N ALA A 96 -9.57 8.58 -23.50
CA ALA A 96 -8.52 9.13 -24.34
C ALA A 96 -7.13 8.65 -23.89
N PHE A 97 -7.02 8.33 -22.61
CA PHE A 97 -5.74 7.90 -22.04
C PHE A 97 -5.47 6.42 -22.30
N ASN A 98 -6.44 5.58 -21.99
CA ASN A 98 -6.24 4.14 -22.11
C ASN A 98 -6.61 3.59 -23.50
N GLY A 99 -7.26 4.42 -24.30
CA GLY A 99 -7.57 4.07 -25.68
C GLY A 99 -8.71 3.09 -25.84
N ILE A 100 -9.47 2.89 -24.77
CA ILE A 100 -10.58 1.93 -24.79
C ILE A 100 -11.86 2.55 -25.33
N ASP A 101 -12.52 1.83 -26.23
CA ASP A 101 -13.83 2.23 -26.75
C ASP A 101 -14.88 1.22 -26.32
N PRO A 102 -15.55 1.49 -25.19
CA PRO A 102 -16.54 0.58 -24.59
C PRO A 102 -17.68 0.26 -25.55
N ASN A 103 -17.85 1.06 -26.60
CA ASN A 103 -18.92 0.84 -27.56
C ASN A 103 -18.54 -0.06 -28.73
N ASP A 104 -17.25 -0.42 -28.82
CA ASP A 104 -16.79 -1.33 -29.86
C ASP A 104 -17.30 -2.74 -29.59
N PRO A 105 -18.18 -3.24 -30.48
CA PRO A 105 -18.82 -4.55 -30.32
C PRO A 105 -17.84 -5.70 -30.50
N ASP A 106 -16.62 -5.42 -30.95
CA ASP A 106 -15.63 -6.47 -31.18
C ASP A 106 -14.66 -6.62 -30.01
N ARG A 107 -14.91 -5.92 -28.91
CA ARG A 107 -14.01 -5.98 -27.75
C ARG A 107 -14.29 -7.18 -26.85
N GLY A 108 -15.25 -8.01 -27.25
CA GLY A 108 -15.60 -9.21 -26.50
C GLY A 108 -15.68 -9.00 -25.01
N ALA A 109 -16.53 -8.07 -24.57
CA ALA A 109 -16.65 -7.77 -23.16
C ALA A 109 -17.59 -8.74 -22.44
N VAL A 110 -17.39 -8.86 -21.13
CA VAL A 110 -18.28 -9.64 -20.28
C VAL A 110 -18.73 -8.77 -19.12
N SER A 111 -19.76 -9.21 -18.40
CA SER A 111 -20.25 -8.46 -17.25
C SER A 111 -19.28 -8.56 -16.09
N GLU A 112 -19.38 -7.62 -15.15
CA GLU A 112 -18.54 -7.64 -13.96
C GLU A 112 -18.76 -8.94 -13.18
N TYR A 113 -19.98 -9.46 -13.25
CA TYR A 113 -20.30 -10.71 -12.60
C TYR A 113 -19.53 -11.87 -13.24
N GLU A 114 -19.63 -12.00 -14.55
CA GLU A 114 -18.88 -13.05 -15.26
C GLU A 114 -17.43 -13.02 -14.84
N ALA A 115 -16.77 -11.89 -15.07
CA ALA A 115 -15.35 -11.75 -14.82
C ALA A 115 -14.99 -12.09 -13.39
N LEU A 116 -15.53 -11.33 -12.44
CA LEU A 116 -15.20 -11.51 -11.04
C LEU A 116 -15.56 -12.89 -10.51
N HIS A 117 -16.70 -13.41 -10.94
CA HIS A 117 -17.13 -14.74 -10.52
C HIS A 117 -16.10 -15.80 -10.93
N GLU A 118 -15.55 -15.63 -12.13
CA GLU A 118 -14.55 -16.58 -12.64
C GLU A 118 -13.23 -16.45 -11.88
N ILE A 119 -12.83 -15.21 -11.59
CA ILE A 119 -11.61 -14.99 -10.83
C ILE A 119 -11.74 -15.54 -9.41
N PHE A 120 -12.85 -15.22 -8.76
CA PHE A 120 -13.09 -15.70 -7.41
C PHE A 120 -13.08 -17.23 -7.34
N LYS A 121 -13.67 -17.87 -8.35
CA LYS A 121 -13.66 -19.33 -8.42
C LYS A 121 -12.23 -19.85 -8.45
N VAL A 122 -11.42 -19.28 -9.33
CA VAL A 122 -10.03 -19.69 -9.47
C VAL A 122 -9.26 -19.40 -8.19
N VAL A 123 -9.48 -18.22 -7.62
CA VAL A 123 -8.79 -17.81 -6.39
C VAL A 123 -9.13 -18.72 -5.20
N ARG A 124 -10.41 -19.04 -5.03
CA ARG A 124 -10.83 -19.90 -3.93
C ARG A 124 -10.18 -21.27 -4.04
N LYS A 125 -10.09 -21.79 -5.27
CA LYS A 125 -9.46 -23.09 -5.50
C LYS A 125 -7.99 -23.05 -5.10
N GLY A 126 -7.32 -21.95 -5.45
CA GLY A 126 -5.92 -21.78 -5.10
C GLY A 126 -5.71 -21.66 -3.61
N ILE A 127 -6.62 -20.97 -2.94
CA ILE A 127 -6.56 -20.79 -1.49
C ILE A 127 -6.62 -22.13 -0.77
N LYS A 128 -7.59 -22.96 -1.15
CA LYS A 128 -7.75 -24.26 -0.52
C LYS A 128 -6.58 -25.20 -0.84
N ALA A 129 -6.21 -25.25 -2.11
CA ALA A 129 -5.13 -26.13 -2.55
C ALA A 129 -3.79 -25.83 -1.89
N SER A 130 -3.59 -24.57 -1.51
CA SER A 130 -2.32 -24.14 -0.93
C SER A 130 -2.37 -24.07 0.59
N GLY A 131 -3.54 -24.32 1.16
CA GLY A 131 -3.71 -24.30 2.60
C GLY A 131 -3.78 -22.89 3.17
N CYS A 132 -3.91 -21.89 2.30
CA CYS A 132 -4.08 -20.51 2.75
C CYS A 132 -5.49 -20.32 3.30
N ASN A 133 -5.75 -19.15 3.87
CA ASN A 133 -7.06 -18.88 4.47
C ASN A 133 -7.79 -17.69 3.84
N ARG A 134 -7.03 -16.78 3.24
CA ARG A 134 -7.62 -15.64 2.55
C ARG A 134 -6.69 -15.10 1.47
N ALA A 135 -7.28 -14.44 0.46
CA ALA A 135 -6.50 -13.85 -0.62
C ALA A 135 -6.22 -12.38 -0.35
N ILE A 136 -5.04 -11.92 -0.76
CA ILE A 136 -4.70 -10.50 -0.67
C ILE A 136 -4.27 -10.00 -2.05
N MET A 137 -4.78 -8.84 -2.44
CA MET A 137 -4.49 -8.30 -3.76
C MET A 137 -3.08 -7.72 -3.85
N VAL A 138 -2.36 -8.11 -4.91
CA VAL A 138 -1.08 -7.50 -5.23
C VAL A 138 -1.25 -6.62 -6.44
N ALA A 139 -1.00 -5.32 -6.28
CA ALA A 139 -1.20 -4.37 -7.38
C ALA A 139 -0.26 -3.17 -7.23
N HIS A 140 -0.01 -2.49 -8.33
CA HIS A 140 0.83 -1.30 -8.31
C HIS A 140 -0.01 -0.08 -7.96
N ASN A 141 0.28 0.53 -6.81
CA ASN A 141 -0.63 1.49 -6.22
C ASN A 141 -1.94 0.76 -5.95
N ALA A 142 -1.83 -0.27 -5.13
CA ALA A 142 -2.88 -1.29 -5.00
C ALA A 142 -4.25 -0.77 -4.59
N ASN A 143 -4.30 0.30 -3.80
CA ASN A 143 -5.58 0.82 -3.34
C ASN A 143 -6.52 1.15 -4.49
N PHE A 144 -5.95 1.65 -5.58
CA PHE A 144 -6.72 2.00 -6.76
C PHE A 144 -7.49 0.80 -7.30
N ASP A 145 -6.76 -0.27 -7.60
CA ASP A 145 -7.37 -1.48 -8.16
C ASP A 145 -8.27 -2.19 -7.15
N HIS A 146 -7.83 -2.21 -5.90
CA HIS A 146 -8.60 -2.83 -4.84
C HIS A 146 -9.99 -2.20 -4.76
N SER A 147 -10.03 -0.87 -4.79
CA SER A 147 -11.30 -0.15 -4.65
C SER A 147 -12.22 -0.39 -5.83
N PHE A 148 -11.65 -0.52 -7.02
CA PHE A 148 -12.43 -0.78 -8.22
C PHE A 148 -12.95 -2.22 -8.27
N MET A 149 -12.13 -3.16 -7.82
CA MET A 149 -12.52 -4.57 -7.82
C MET A 149 -13.61 -4.82 -6.78
N MET A 150 -13.40 -4.27 -5.59
CA MET A 150 -14.37 -4.42 -4.51
C MET A 150 -15.71 -3.79 -4.87
N ALA A 151 -15.66 -2.63 -5.52
CA ALA A 151 -16.89 -1.94 -5.92
C ALA A 151 -17.66 -2.75 -6.96
N ALA A 152 -16.94 -3.34 -7.91
CA ALA A 152 -17.56 -4.20 -8.90
C ALA A 152 -18.17 -5.43 -8.23
N ALA A 153 -17.46 -5.99 -7.25
CA ALA A 153 -17.95 -7.15 -6.54
C ALA A 153 -19.27 -6.85 -5.85
N GLU A 154 -19.37 -5.67 -5.23
CA GLU A 154 -20.59 -5.27 -4.56
C GLU A 154 -21.73 -5.06 -5.56
N ARG A 155 -21.43 -4.35 -6.65
CA ARG A 155 -22.43 -4.12 -7.68
C ARG A 155 -23.01 -5.43 -8.21
N ALA A 156 -22.15 -6.45 -8.30
CA ALA A 156 -22.54 -7.73 -8.88
C ALA A 156 -23.15 -8.67 -7.84
N SER A 157 -23.16 -8.24 -6.58
CA SER A 157 -23.71 -9.06 -5.50
C SER A 157 -23.02 -10.41 -5.39
N LEU A 158 -21.70 -10.42 -5.53
CA LEU A 158 -20.92 -11.64 -5.39
C LEU A 158 -20.83 -12.04 -3.93
N LYS A 159 -20.96 -13.33 -3.65
CA LYS A 159 -20.95 -13.81 -2.27
C LYS A 159 -19.62 -14.46 -1.91
N ARG A 160 -19.17 -14.19 -0.68
CA ARG A 160 -17.95 -14.80 -0.16
C ARG A 160 -16.69 -14.35 -0.92
N ASN A 161 -16.60 -13.05 -1.16
CA ASN A 161 -15.40 -12.46 -1.75
C ASN A 161 -14.16 -12.93 -1.00
N PRO A 162 -13.30 -13.68 -1.69
CA PRO A 162 -12.12 -14.30 -1.06
C PRO A 162 -11.01 -13.30 -0.72
N PHE A 163 -11.08 -12.09 -1.27
CA PHE A 163 -10.05 -11.09 -1.03
C PHE A 163 -10.23 -10.38 0.30
N HIS A 164 -9.12 -10.03 0.94
CA HIS A 164 -9.16 -9.24 2.16
C HIS A 164 -9.73 -7.85 1.87
N PRO A 165 -10.64 -7.39 2.73
CA PRO A 165 -11.42 -6.16 2.49
C PRO A 165 -10.62 -4.86 2.59
N PHE A 166 -9.37 -4.88 3.05
CA PHE A 166 -8.59 -3.64 3.08
C PHE A 166 -7.08 -3.81 3.03
N ALA A 167 -6.59 -5.04 3.23
CA ALA A 167 -5.15 -5.29 3.16
C ALA A 167 -4.69 -5.51 1.72
N THR A 168 -3.52 -4.97 1.38
CA THR A 168 -2.96 -5.14 0.05
C THR A 168 -1.45 -5.21 0.06
N PHE A 169 -0.88 -5.71 -1.03
CA PHE A 169 0.56 -5.70 -1.24
C PHE A 169 0.88 -4.75 -2.39
N ASP A 170 1.06 -3.48 -2.06
CA ASP A 170 1.38 -2.46 -3.06
C ASP A 170 2.81 -2.61 -3.58
N THR A 171 2.94 -2.95 -4.86
CA THR A 171 4.25 -3.18 -5.45
C THR A 171 5.01 -1.87 -5.65
N ALA A 172 4.31 -0.74 -5.56
CA ALA A 172 4.96 0.55 -5.65
C ALA A 172 5.86 0.77 -4.44
N ALA A 173 5.35 0.37 -3.27
CA ALA A 173 6.10 0.48 -2.02
C ALA A 173 7.19 -0.59 -1.93
N LEU A 174 6.87 -1.80 -2.41
CA LEU A 174 7.83 -2.89 -2.40
C LEU A 174 9.00 -2.61 -3.34
N ALA A 175 8.70 -2.06 -4.50
CA ALA A 175 9.74 -1.70 -5.46
C ALA A 175 10.54 -0.52 -4.92
N GLY A 176 9.88 0.34 -4.16
CA GLY A 176 10.55 1.44 -3.50
C GLY A 176 11.59 0.92 -2.52
N LEU A 177 11.22 -0.14 -1.81
CA LEU A 177 12.14 -0.78 -0.88
C LEU A 177 13.24 -1.56 -1.61
N ALA A 178 12.83 -2.44 -2.51
CA ALA A 178 13.75 -3.35 -3.17
C ALA A 178 14.58 -2.71 -4.28
N LEU A 179 14.03 -1.72 -4.96
CA LEU A 179 14.66 -1.20 -6.17
C LEU A 179 14.83 0.32 -6.21
N GLY A 180 14.39 0.99 -5.15
CA GLY A 180 14.46 2.44 -5.10
C GLY A 180 13.70 3.10 -6.24
N GLN A 181 12.66 2.43 -6.71
CA GLN A 181 11.82 2.94 -7.79
C GLN A 181 10.35 2.64 -7.47
N THR A 182 9.46 3.58 -7.79
CA THR A 182 8.04 3.40 -7.48
C THR A 182 7.19 3.33 -8.73
N VAL A 183 7.70 3.85 -9.84
CA VAL A 183 7.00 3.77 -11.11
C VAL A 183 7.18 2.37 -11.69
N LEU A 184 6.07 1.75 -12.07
CA LEU A 184 6.10 0.36 -12.54
C LEU A 184 7.14 0.10 -13.63
N SER A 185 7.11 0.90 -14.70
CA SER A 185 8.01 0.71 -15.82
C SER A 185 9.48 0.82 -15.41
N LYS A 186 9.81 1.86 -14.64
CA LYS A 186 11.18 2.06 -14.19
C LYS A 186 11.60 0.99 -13.19
N ALA A 187 10.65 0.51 -12.39
CA ALA A 187 10.92 -0.54 -11.44
C ALA A 187 11.25 -1.84 -12.16
N CYS A 188 10.48 -2.15 -13.21
CA CYS A 188 10.75 -3.34 -14.02
C CYS A 188 12.11 -3.27 -14.70
N GLN A 189 12.44 -2.11 -15.26
CA GLN A 189 13.73 -1.93 -15.93
C GLN A 189 14.89 -2.10 -14.96
N THR A 190 14.81 -1.41 -13.82
CA THR A 190 15.83 -1.52 -12.78
C THR A 190 16.04 -2.98 -12.39
N ALA A 191 14.96 -3.75 -12.38
CA ALA A 191 15.01 -5.17 -12.02
C ALA A 191 15.49 -6.04 -13.17
N GLY A 192 15.79 -5.40 -14.31
CA GLY A 192 16.30 -6.11 -15.47
C GLY A 192 15.23 -6.77 -16.31
N MET A 193 13.98 -6.34 -16.11
CA MET A 193 12.87 -6.84 -16.90
C MET A 193 12.64 -5.93 -18.10
N ASP A 194 12.02 -6.48 -19.14
CA ASP A 194 11.60 -5.69 -20.28
C ASP A 194 10.28 -4.99 -19.97
N PHE A 195 10.09 -3.80 -20.52
CA PHE A 195 8.80 -3.11 -20.39
C PHE A 195 8.43 -2.38 -21.67
N ASP A 196 7.31 -2.78 -22.26
CA ASP A 196 6.85 -2.26 -23.54
C ASP A 196 5.75 -1.22 -23.32
N SER A 197 6.12 0.06 -23.39
CA SER A 197 5.17 1.16 -23.23
C SER A 197 3.95 1.01 -24.13
N THR A 198 4.15 0.39 -25.29
CA THR A 198 3.08 0.14 -26.24
C THR A 198 1.92 -0.63 -25.62
N GLN A 199 2.21 -1.39 -24.56
CA GLN A 199 1.21 -2.25 -23.94
C GLN A 199 0.85 -1.83 -22.52
N ALA A 200 1.30 -0.64 -22.12
CA ALA A 200 1.11 -0.18 -20.75
C ALA A 200 -0.34 0.08 -20.39
N HIS A 201 -1.21 0.18 -21.39
CA HIS A 201 -2.62 0.49 -21.16
C HIS A 201 -3.48 -0.77 -21.12
N SER A 202 -2.84 -1.93 -21.16
CA SER A 202 -3.54 -3.20 -21.07
C SER A 202 -3.44 -3.81 -19.67
N ALA A 203 -4.60 -4.12 -19.10
CA ALA A 203 -4.65 -4.71 -17.77
C ALA A 203 -3.84 -6.00 -17.70
N LEU A 204 -4.02 -6.86 -18.69
CA LEU A 204 -3.31 -8.14 -18.74
C LEU A 204 -1.80 -7.95 -18.74
N TYR A 205 -1.32 -7.02 -19.55
CA TYR A 205 0.12 -6.78 -19.65
C TYR A 205 0.67 -6.26 -18.32
N ASP A 206 0.05 -5.20 -17.80
CA ASP A 206 0.48 -4.64 -16.52
C ASP A 206 0.49 -5.68 -15.41
N THR A 207 -0.50 -6.57 -15.44
CA THR A 207 -0.63 -7.59 -14.40
C THR A 207 0.51 -8.61 -14.48
N GLU A 208 0.87 -8.99 -15.70
CA GLU A 208 1.93 -9.98 -15.89
C GLU A 208 3.29 -9.40 -15.53
N ARG A 209 3.54 -8.15 -15.90
CA ARG A 209 4.77 -7.47 -15.56
C ARG A 209 4.88 -7.28 -14.06
N THR A 210 3.76 -6.91 -13.43
CA THR A 210 3.72 -6.67 -11.99
C THR A 210 3.91 -7.97 -11.22
N ALA A 211 3.32 -9.05 -11.72
CA ALA A 211 3.47 -10.35 -11.10
C ALA A 211 4.93 -10.80 -11.13
N VAL A 212 5.57 -10.60 -12.28
CA VAL A 212 6.97 -10.98 -12.43
C VAL A 212 7.84 -10.11 -11.55
N LEU A 213 7.44 -8.85 -11.39
CA LEU A 213 8.15 -7.91 -10.53
C LEU A 213 8.07 -8.35 -9.07
N PHE A 214 6.85 -8.62 -8.62
CA PHE A 214 6.59 -9.08 -7.26
C PHE A 214 7.38 -10.36 -6.95
N CYS A 215 7.36 -11.31 -7.88
CA CYS A 215 8.09 -12.56 -7.70
C CYS A 215 9.58 -12.30 -7.61
N GLU A 216 10.08 -11.41 -8.46
CA GLU A 216 11.49 -11.07 -8.49
C GLU A 216 11.91 -10.45 -7.16
N ILE A 217 11.02 -9.65 -6.59
CA ILE A 217 11.31 -9.00 -5.31
C ILE A 217 11.30 -9.99 -4.16
N VAL A 218 10.28 -10.84 -4.12
CA VAL A 218 10.19 -11.86 -3.09
C VAL A 218 11.35 -12.85 -3.19
N ASN A 219 11.65 -13.27 -4.41
CA ASN A 219 12.70 -14.27 -4.63
C ASN A 219 14.11 -13.78 -4.31
N ARG A 220 14.39 -12.51 -4.57
CA ARG A 220 15.71 -11.96 -4.28
C ARG A 220 15.90 -11.77 -2.79
N TRP A 221 14.82 -11.37 -2.11
CA TRP A 221 14.87 -11.23 -0.66
C TRP A 221 15.25 -12.58 -0.04
N LYS A 222 14.72 -13.65 -0.61
CA LYS A 222 15.03 -15.00 -0.15
C LYS A 222 16.46 -15.39 -0.55
N ARG A 223 16.84 -15.04 -1.77
CA ARG A 223 18.14 -15.46 -2.29
C ARG A 223 19.30 -14.73 -1.63
N LEU A 224 19.07 -13.50 -1.18
CA LEU A 224 20.10 -12.75 -0.47
C LEU A 224 20.15 -13.11 1.01
N GLY A 225 19.30 -14.04 1.42
CA GLY A 225 19.31 -14.55 2.78
C GLY A 225 18.33 -13.87 3.71
N GLY A 226 17.46 -13.02 3.16
CA GLY A 226 16.47 -12.32 3.96
C GLY A 226 15.39 -13.24 4.46
N TRP A 227 15.10 -14.28 3.67
CA TRP A 227 14.09 -15.26 4.02
C TRP A 227 14.60 -16.67 3.70
N PRO A 228 14.27 -17.62 4.58
CA PRO A 228 13.49 -17.40 5.81
C PRO A 228 14.29 -16.67 6.88
N LEU A 229 13.62 -16.26 7.95
CA LEU A 229 14.24 -15.45 9.00
C LEU A 229 15.44 -16.13 9.65
N SER A 230 15.46 -17.46 9.59
CA SER A 230 16.53 -18.23 10.22
C SER A 230 17.77 -18.33 9.34
N ALA A 231 17.60 -18.02 8.05
CA ALA A 231 18.66 -18.18 7.07
C ALA A 231 19.94 -17.41 7.39
N ALA A 232 19.77 -16.17 7.88
CA ALA A 232 20.91 -15.29 8.11
C ALA A 232 21.95 -15.85 9.06
N GLU A 233 21.51 -16.61 10.06
CA GLU A 233 22.43 -17.12 11.07
C GLU A 233 22.96 -18.52 10.73
N GLU A 234 22.54 -19.04 9.59
CA GLU A 234 23.01 -20.36 9.14
C GLU A 234 24.39 -20.26 8.50
N THR B 28 23.94 6.33 0.73
CA THR B 28 24.10 7.67 0.20
C THR B 28 23.14 8.64 0.87
N GLY B 29 22.51 9.50 0.07
CA GLY B 29 21.56 10.47 0.59
C GLY B 29 20.13 9.99 0.54
N LEU B 30 19.32 10.47 1.48
CA LEU B 30 17.91 10.13 1.53
C LEU B 30 17.23 10.41 0.19
N CYS B 31 17.65 11.47 -0.49
CA CYS B 31 17.07 11.85 -1.78
C CYS B 31 17.39 10.82 -2.87
N ASP B 32 18.39 9.99 -2.63
CA ASP B 32 18.79 8.98 -3.61
C ASP B 32 18.06 7.67 -3.39
N ARG B 33 17.51 7.49 -2.20
CA ARG B 33 16.95 6.22 -1.80
C ARG B 33 15.59 5.90 -2.41
N PHE B 34 14.71 6.89 -2.42
CA PHE B 34 13.36 6.69 -2.96
C PHE B 34 13.02 7.69 -4.07
N ARG B 35 13.95 7.84 -5.01
CA ARG B 35 13.76 8.70 -6.17
C ARG B 35 13.17 10.07 -5.83
N GLY B 36 13.66 10.66 -4.73
CA GLY B 36 13.26 12.00 -4.36
C GLY B 36 12.15 12.08 -3.33
N PHE B 37 11.54 10.93 -3.02
CA PHE B 37 10.47 10.91 -2.03
C PHE B 37 11.01 11.09 -0.60
N TYR B 38 10.39 12.02 0.12
CA TYR B 38 10.75 12.28 1.51
C TYR B 38 9.76 11.53 2.42
N PRO B 39 10.16 10.35 2.89
CA PRO B 39 9.26 9.47 3.65
C PRO B 39 8.93 10.02 5.03
N VAL B 40 7.63 10.16 5.31
CA VAL B 40 7.18 10.63 6.61
C VAL B 40 6.24 9.60 7.22
N VAL B 41 6.61 9.07 8.39
CA VAL B 41 5.76 8.11 9.07
C VAL B 41 4.59 8.84 9.71
N ILE B 42 3.38 8.38 9.41
CA ILE B 42 2.17 9.02 9.90
C ILE B 42 1.19 7.99 10.45
N ASP B 43 0.62 8.29 11.61
CA ASP B 43 -0.48 7.48 12.12
C ASP B 43 -1.66 8.34 12.53
N VAL B 44 -2.85 7.74 12.54
CA VAL B 44 -4.08 8.46 12.78
C VAL B 44 -5.06 7.63 13.62
N GLU B 45 -5.69 8.29 14.59
CA GLU B 45 -6.80 7.69 15.31
C GLU B 45 -8.07 8.47 14.94
N THR B 46 -9.18 7.78 14.81
CA THR B 46 -10.38 8.41 14.29
C THR B 46 -11.65 8.03 15.03
N ALA B 47 -12.76 8.63 14.63
CA ALA B 47 -14.06 8.30 15.20
C ALA B 47 -14.90 7.53 14.18
N GLY B 48 -14.24 6.79 13.29
CA GLY B 48 -14.91 6.01 12.28
C GLY B 48 -14.02 5.56 11.14
N PHE B 49 -14.61 4.86 10.18
CA PHE B 49 -13.87 4.33 9.04
C PHE B 49 -13.87 5.28 7.85
N ASN B 50 -14.80 6.24 7.85
CA ASN B 50 -14.98 7.12 6.69
C ASN B 50 -14.23 8.44 6.83
N ALA B 51 -13.20 8.62 6.04
CA ALA B 51 -12.37 9.83 6.08
C ALA B 51 -13.17 11.09 5.77
N LYS B 52 -14.21 10.94 4.95
CA LYS B 52 -15.00 12.10 4.54
C LYS B 52 -15.94 12.58 5.64
N THR B 53 -16.53 11.64 6.37
CA THR B 53 -17.60 11.98 7.32
C THR B 53 -17.17 11.92 8.78
N ASP B 54 -16.20 11.06 9.09
CA ASP B 54 -15.82 10.82 10.48
C ASP B 54 -14.68 11.71 10.96
N ALA B 55 -14.68 12.01 12.26
CA ALA B 55 -13.71 12.93 12.82
C ALA B 55 -12.30 12.34 12.92
N LEU B 56 -11.31 13.22 12.81
CA LEU B 56 -9.93 12.86 13.09
C LEU B 56 -9.64 13.23 14.53
N LEU B 57 -9.15 12.28 15.31
CA LEU B 57 -8.99 12.48 16.76
C LEU B 57 -7.52 12.61 17.18
N GLU B 58 -6.65 11.91 16.49
CA GLU B 58 -5.21 11.95 16.76
C GLU B 58 -4.40 11.81 15.48
N ILE B 59 -3.22 12.41 15.46
CA ILE B 59 -2.29 12.22 14.36
C ILE B 59 -0.86 12.43 14.84
N ALA B 60 0.00 11.48 14.54
CA ALA B 60 1.42 11.57 14.86
C ALA B 60 2.26 11.57 13.60
N ALA B 61 3.39 12.27 13.63
CA ALA B 61 4.25 12.38 12.46
C ALA B 61 5.72 12.24 12.84
N ILE B 62 6.42 11.39 12.11
CA ILE B 62 7.86 11.20 12.34
C ILE B 62 8.62 11.25 11.03
N THR B 63 9.40 12.31 10.84
CA THR B 63 10.26 12.41 9.67
C THR B 63 11.46 11.50 9.85
N LEU B 64 12.14 11.19 8.74
CA LEU B 64 13.29 10.32 8.79
C LEU B 64 14.53 11.02 8.21
N LYS B 65 15.70 10.47 8.52
CA LYS B 65 16.95 11.02 8.03
C LYS B 65 17.95 9.90 7.85
N MET B 66 18.90 10.10 6.94
CA MET B 66 19.98 9.14 6.74
C MET B 66 21.29 9.71 7.23
N ASP B 67 22.04 8.92 7.99
CA ASP B 67 23.40 9.32 8.38
C ASP B 67 24.27 9.29 7.13
N GLU B 68 25.56 9.52 7.30
CA GLU B 68 26.46 9.62 6.16
C GLU B 68 26.77 8.26 5.50
N GLN B 69 26.58 7.18 6.24
CA GLN B 69 26.80 5.84 5.69
C GLN B 69 25.54 5.28 5.06
N GLY B 70 24.49 6.09 5.00
CA GLY B 70 23.26 5.70 4.33
C GLY B 70 22.28 4.90 5.17
N TRP B 71 22.44 4.96 6.50
CA TRP B 71 21.51 4.27 7.38
C TRP B 71 20.32 5.16 7.74
N LEU B 72 19.13 4.57 7.77
CA LEU B 72 17.89 5.31 7.98
C LEU B 72 17.46 5.32 9.44
N MET B 73 16.96 6.46 9.90
CA MET B 73 16.55 6.60 11.29
C MET B 73 15.57 7.77 11.49
N PRO B 74 14.74 7.69 12.53
CA PRO B 74 13.77 8.75 12.84
C PRO B 74 14.45 10.09 13.05
N ASP B 75 13.82 11.17 12.58
CA ASP B 75 14.39 12.50 12.71
C ASP B 75 13.56 13.35 13.67
N THR B 76 12.49 13.95 13.15
CA THR B 76 11.62 14.81 13.96
C THR B 76 10.31 14.11 14.28
N THR B 77 9.82 14.31 15.50
CA THR B 77 8.57 13.68 15.95
C THR B 77 7.52 14.70 16.37
N LEU B 78 6.34 14.62 15.78
CA LEU B 78 5.22 15.47 16.17
C LEU B 78 4.01 14.63 16.54
N HIS B 79 3.14 15.18 17.38
CA HIS B 79 1.94 14.46 17.82
C HIS B 79 0.88 15.43 18.31
N PHE B 80 -0.37 15.13 18.00
CA PHE B 80 -1.47 16.02 18.35
C PHE B 80 -2.75 15.27 18.69
N HIS B 81 -3.44 15.73 19.72
CA HIS B 81 -4.83 15.37 19.92
C HIS B 81 -5.66 16.35 19.09
N VAL B 82 -6.56 15.81 18.27
CA VAL B 82 -7.26 16.64 17.30
C VAL B 82 -8.74 16.83 17.60
N GLU B 83 -9.20 18.08 17.50
CA GLU B 83 -10.60 18.41 17.66
C GLU B 83 -11.43 17.91 16.47
N PRO B 84 -12.61 17.37 16.74
CA PRO B 84 -13.52 16.97 15.66
C PRO B 84 -13.95 18.19 14.87
N PHE B 85 -13.87 18.12 13.55
CA PHE B 85 -14.31 19.22 12.71
C PHE B 85 -15.82 19.40 12.84
N VAL B 86 -16.29 20.64 12.71
CA VAL B 86 -17.72 20.92 12.81
C VAL B 86 -18.49 20.15 11.75
N GLY B 87 -19.49 19.39 12.19
CA GLY B 87 -20.29 18.58 11.30
C GLY B 87 -19.75 17.16 11.18
N ALA B 88 -18.72 16.86 11.97
CA ALA B 88 -18.08 15.55 11.94
C ALA B 88 -18.92 14.50 12.65
N ASN B 89 -18.98 13.31 12.08
CA ASN B 89 -19.69 12.20 12.71
C ASN B 89 -18.78 11.43 13.65
N LEU B 90 -19.38 10.82 14.67
CA LEU B 90 -18.64 10.06 15.67
C LEU B 90 -19.26 8.70 15.90
N GLN B 91 -18.64 7.66 15.37
CA GLN B 91 -19.15 6.30 15.56
C GLN B 91 -18.81 5.77 16.96
N PRO B 92 -19.85 5.44 17.73
CA PRO B 92 -19.72 4.92 19.09
C PRO B 92 -18.72 3.76 19.18
N GLU B 93 -18.80 2.81 18.26
CA GLU B 93 -17.90 1.67 18.26
C GLU B 93 -16.45 2.10 18.06
N ALA B 94 -16.25 3.17 17.29
CA ALA B 94 -14.91 3.72 17.07
C ALA B 94 -14.34 4.22 18.40
N LEU B 95 -15.11 5.06 19.09
CA LEU B 95 -14.72 5.55 20.39
C LEU B 95 -14.52 4.42 21.39
N ALA B 96 -15.46 3.47 21.38
CA ALA B 96 -15.39 2.33 22.30
C ALA B 96 -14.15 1.49 22.06
N PHE B 97 -13.65 1.52 20.82
CA PHE B 97 -12.47 0.75 20.46
C PHE B 97 -11.18 1.44 20.88
N ASN B 98 -11.00 2.68 20.45
CA ASN B 98 -9.76 3.42 20.72
C ASN B 98 -9.77 4.12 22.07
N GLY B 99 -10.93 4.13 22.72
CA GLY B 99 -11.05 4.65 24.06
C GLY B 99 -10.94 6.16 24.17
N ILE B 100 -11.10 6.85 23.04
CA ILE B 100 -11.00 8.31 23.05
C ILE B 100 -12.36 8.96 23.32
N ASP B 101 -12.36 9.96 24.19
CA ASP B 101 -13.55 10.75 24.46
C ASP B 101 -13.28 12.21 24.10
N PRO B 102 -13.74 12.62 22.91
CA PRO B 102 -13.50 13.96 22.36
C PRO B 102 -14.06 15.07 23.26
N ASN B 103 -15.01 14.75 24.13
CA ASN B 103 -15.61 15.76 24.99
C ASN B 103 -14.81 16.05 26.26
N ASP B 104 -13.71 15.33 26.44
CA ASP B 104 -12.84 15.56 27.58
C ASP B 104 -12.02 16.84 27.39
N PRO B 105 -12.25 17.84 28.25
CA PRO B 105 -11.62 19.16 28.15
C PRO B 105 -10.13 19.11 28.48
N ASP B 106 -9.66 18.01 29.06
CA ASP B 106 -8.25 17.86 29.40
C ASP B 106 -7.49 17.11 28.31
N ARG B 107 -8.06 17.03 27.11
CA ARG B 107 -7.42 16.35 25.99
C ARG B 107 -6.20 17.10 25.48
N GLY B 108 -6.21 18.43 25.65
CA GLY B 108 -5.17 19.26 25.06
C GLY B 108 -5.25 19.20 23.56
N ALA B 109 -6.47 19.20 23.04
CA ALA B 109 -6.71 19.03 21.61
C ALA B 109 -6.53 20.33 20.84
N VAL B 110 -6.07 20.21 19.59
CA VAL B 110 -5.93 21.34 18.70
C VAL B 110 -6.71 21.10 17.43
N SER B 111 -6.90 22.14 16.63
CA SER B 111 -7.65 22.03 15.39
C SER B 111 -6.88 21.26 14.33
N GLU B 112 -7.60 20.69 13.37
CA GLU B 112 -6.97 19.97 12.27
C GLU B 112 -5.97 20.87 11.54
N TYR B 113 -6.35 22.12 11.36
CA TYR B 113 -5.48 23.08 10.69
C TYR B 113 -4.16 23.25 11.44
N GLU B 114 -4.25 23.43 12.75
CA GLU B 114 -3.07 23.67 13.56
C GLU B 114 -2.10 22.49 13.54
N ALA B 115 -2.65 21.28 13.66
CA ALA B 115 -1.84 20.07 13.67
C ALA B 115 -1.14 19.87 12.33
N LEU B 116 -1.92 19.88 11.25
CA LEU B 116 -1.38 19.65 9.91
C LEU B 116 -0.43 20.77 9.47
N HIS B 117 -0.76 22.00 9.83
CA HIS B 117 0.09 23.13 9.47
C HIS B 117 1.48 22.99 10.09
N GLU B 118 1.53 22.45 11.30
CA GLU B 118 2.80 22.26 11.99
C GLU B 118 3.57 21.09 11.36
N ILE B 119 2.85 20.03 11.03
CA ILE B 119 3.44 18.87 10.37
C ILE B 119 3.93 19.22 8.96
N PHE B 120 3.11 19.92 8.20
CA PHE B 120 3.49 20.33 6.85
C PHE B 120 4.73 21.23 6.87
N LYS B 121 4.79 22.12 7.85
CA LYS B 121 5.94 23.02 7.98
C LYS B 121 7.23 22.24 8.15
N VAL B 122 7.24 21.32 9.12
CA VAL B 122 8.41 20.49 9.39
C VAL B 122 8.80 19.67 8.17
N VAL B 123 7.79 19.12 7.49
CA VAL B 123 8.02 18.27 6.33
C VAL B 123 8.62 19.04 5.15
N ARG B 124 8.09 20.23 4.87
CA ARG B 124 8.65 21.07 3.81
C ARG B 124 10.10 21.39 4.13
N LYS B 125 10.39 21.64 5.40
CA LYS B 125 11.75 21.93 5.83
C LYS B 125 12.67 20.75 5.53
N GLY B 126 12.23 19.56 5.89
CA GLY B 126 13.01 18.36 5.66
C GLY B 126 13.22 18.09 4.18
N ILE B 127 12.16 18.21 3.39
CA ILE B 127 12.24 18.02 1.96
C ILE B 127 13.32 18.91 1.35
N LYS B 128 13.28 20.19 1.69
CA LYS B 128 14.26 21.14 1.18
C LYS B 128 15.66 20.82 1.66
N ALA B 129 15.80 20.65 2.98
CA ALA B 129 17.09 20.35 3.58
C ALA B 129 17.71 19.08 3.00
N SER B 130 16.88 18.09 2.70
CA SER B 130 17.35 16.80 2.21
C SER B 130 17.52 16.77 0.70
N GLY B 131 16.99 17.79 0.02
CA GLY B 131 17.05 17.85 -1.43
C GLY B 131 16.08 16.90 -2.10
N CYS B 132 15.05 16.47 -1.37
CA CYS B 132 13.99 15.66 -1.94
C CYS B 132 13.00 16.56 -2.68
N ASN B 133 12.16 15.97 -3.51
CA ASN B 133 11.18 16.76 -4.25
C ASN B 133 9.78 16.77 -3.64
N ARG B 134 9.48 15.78 -2.81
CA ARG B 134 8.23 15.80 -2.05
C ARG B 134 8.07 14.60 -1.11
N ALA B 135 7.04 14.65 -0.29
CA ALA B 135 6.86 13.66 0.77
C ALA B 135 5.97 12.49 0.37
N ILE B 136 6.22 11.34 0.97
CA ILE B 136 5.37 10.17 0.79
C ILE B 136 5.04 9.58 2.15
N MET B 137 3.76 9.35 2.41
CA MET B 137 3.33 8.87 3.72
C MET B 137 3.70 7.41 3.95
N VAL B 138 4.43 7.17 5.04
CA VAL B 138 4.69 5.81 5.50
C VAL B 138 3.72 5.48 6.62
N ALA B 139 2.97 4.39 6.44
CA ALA B 139 1.95 4.02 7.41
C ALA B 139 1.56 2.55 7.29
N HIS B 140 0.95 2.01 8.33
CA HIS B 140 0.49 0.63 8.33
C HIS B 140 -0.93 0.57 7.77
N ASN B 141 -1.10 -0.13 6.66
CA ASN B 141 -2.33 -0.02 5.87
C ASN B 141 -2.50 1.45 5.51
N ALA B 142 -1.48 1.98 4.84
CA ALA B 142 -1.31 3.42 4.64
C ALA B 142 -2.52 4.16 4.10
N ASN B 143 -3.26 3.54 3.19
CA ASN B 143 -4.38 4.22 2.56
C ASN B 143 -5.39 4.77 3.57
N PHE B 144 -5.61 4.04 4.66
CA PHE B 144 -6.51 4.50 5.71
C PHE B 144 -6.04 5.82 6.29
N ASP B 145 -4.77 5.88 6.68
CA ASP B 145 -4.20 7.10 7.26
C ASP B 145 -4.05 8.21 6.21
N HIS B 146 -3.72 7.82 4.98
CA HIS B 146 -3.58 8.80 3.91
C HIS B 146 -4.91 9.51 3.63
N SER B 147 -5.99 8.74 3.55
CA SER B 147 -7.30 9.29 3.24
C SER B 147 -7.78 10.28 4.30
N PHE B 148 -7.48 9.98 5.57
CA PHE B 148 -7.89 10.87 6.66
C PHE B 148 -7.06 12.15 6.71
N MET B 149 -5.75 12.02 6.56
CA MET B 149 -4.86 13.17 6.60
C MET B 149 -5.16 14.12 5.44
N MET B 150 -5.35 13.56 4.25
CA MET B 150 -5.64 14.36 3.06
C MET B 150 -7.00 15.04 3.19
N ALA B 151 -7.97 14.33 3.75
CA ALA B 151 -9.30 14.89 3.94
C ALA B 151 -9.24 16.06 4.92
N ALA B 152 -8.52 15.88 6.02
CA ALA B 152 -8.39 16.94 7.02
C ALA B 152 -7.69 18.16 6.41
N ALA B 153 -6.62 17.93 5.67
CA ALA B 153 -5.91 19.01 5.00
C ALA B 153 -6.84 19.80 4.09
N GLU B 154 -7.74 19.08 3.43
CA GLU B 154 -8.71 19.72 2.55
C GLU B 154 -9.70 20.56 3.34
N ARG B 155 -10.13 20.04 4.49
CA ARG B 155 -11.06 20.75 5.35
C ARG B 155 -10.44 22.02 5.93
N ALA B 156 -9.12 22.00 6.12
CA ALA B 156 -8.43 23.11 6.75
C ALA B 156 -7.91 24.11 5.71
N SER B 157 -8.22 23.86 4.44
CA SER B 157 -7.80 24.76 3.37
C SER B 157 -6.30 24.95 3.35
N LEU B 158 -5.57 23.87 3.60
CA LEU B 158 -4.11 23.93 3.63
C LEU B 158 -3.53 24.03 2.23
N LYS B 159 -2.56 24.94 2.05
CA LYS B 159 -1.95 25.16 0.76
C LYS B 159 -0.66 24.38 0.60
N ARG B 160 -0.38 23.95 -0.63
CA ARG B 160 0.89 23.32 -0.96
C ARG B 160 1.15 22.07 -0.12
N ASN B 161 0.16 21.20 -0.04
CA ASN B 161 0.32 19.92 0.66
C ASN B 161 1.53 19.17 0.11
N PRO B 162 2.56 19.00 0.95
CA PRO B 162 3.84 18.42 0.52
C PRO B 162 3.74 16.94 0.17
N PHE B 163 2.65 16.29 0.57
CA PHE B 163 2.50 14.85 0.37
C PHE B 163 2.03 14.47 -1.03
N HIS B 164 2.47 13.31 -1.51
CA HIS B 164 2.00 12.78 -2.78
C HIS B 164 0.53 12.39 -2.66
N PRO B 165 -0.28 12.81 -3.65
CA PRO B 165 -1.73 12.66 -3.64
C PRO B 165 -2.26 11.22 -3.51
N PHE B 166 -1.49 10.22 -3.90
CA PHE B 166 -1.99 8.85 -3.82
C PHE B 166 -0.91 7.78 -3.58
N ALA B 167 0.35 8.21 -3.59
CA ALA B 167 1.44 7.28 -3.37
C ALA B 167 1.74 7.13 -1.87
N THR B 168 2.00 5.89 -1.44
CA THR B 168 2.31 5.62 -0.04
C THR B 168 3.26 4.45 0.13
N PHE B 169 3.88 4.37 1.30
CA PHE B 169 4.69 3.22 1.66
C PHE B 169 3.96 2.42 2.74
N ASP B 170 3.18 1.44 2.31
CA ASP B 170 2.44 0.60 3.25
C ASP B 170 3.34 -0.41 3.96
N THR B 171 3.50 -0.21 5.27
CA THR B 171 4.38 -1.08 6.05
C THR B 171 3.76 -2.46 6.31
N ALA B 172 2.46 -2.58 6.07
CA ALA B 172 1.81 -3.88 6.16
C ALA B 172 2.34 -4.76 5.03
N ALA B 173 2.45 -4.19 3.85
CA ALA B 173 3.00 -4.92 2.71
C ALA B 173 4.50 -5.14 2.86
N LEU B 174 5.21 -4.10 3.29
CA LEU B 174 6.66 -4.20 3.48
C LEU B 174 7.01 -5.27 4.50
N ALA B 175 6.31 -5.25 5.64
CA ALA B 175 6.53 -6.24 6.68
C ALA B 175 6.13 -7.63 6.19
N GLY B 176 5.16 -7.67 5.29
CA GLY B 176 4.77 -8.93 4.68
C GLY B 176 5.93 -9.53 3.91
N LEU B 177 6.65 -8.70 3.18
CA LEU B 177 7.81 -9.13 2.43
C LEU B 177 8.99 -9.44 3.36
N ALA B 178 9.33 -8.47 4.20
CA ALA B 178 10.52 -8.56 5.04
C ALA B 178 10.40 -9.57 6.18
N LEU B 179 9.22 -9.66 6.79
CA LEU B 179 9.05 -10.44 8.00
C LEU B 179 8.00 -11.55 7.90
N GLY B 180 7.22 -11.53 6.82
CA GLY B 180 6.15 -12.50 6.66
C GLY B 180 4.98 -12.24 7.60
N GLN B 181 4.87 -11.01 8.08
CA GLN B 181 3.77 -10.61 8.96
C GLN B 181 3.16 -9.29 8.51
N THR B 182 1.84 -9.17 8.58
CA THR B 182 1.16 -7.97 8.10
C THR B 182 0.50 -7.18 9.24
N VAL B 183 0.34 -7.82 10.39
CA VAL B 183 -0.19 -7.15 11.57
C VAL B 183 0.93 -6.44 12.31
N LEU B 184 0.73 -5.16 12.59
CA LEU B 184 1.79 -4.33 13.17
C LEU B 184 2.49 -4.93 14.38
N SER B 185 1.71 -5.33 15.38
CA SER B 185 2.27 -5.83 16.63
C SER B 185 3.12 -7.09 16.42
N LYS B 186 2.64 -7.99 15.56
CA LYS B 186 3.39 -9.20 15.26
C LYS B 186 4.62 -8.88 14.44
N ALA B 187 4.50 -7.91 13.55
CA ALA B 187 5.63 -7.48 12.73
C ALA B 187 6.77 -6.99 13.59
N CYS B 188 6.48 -6.08 14.51
CA CYS B 188 7.49 -5.55 15.43
C CYS B 188 8.10 -6.67 16.27
N GLN B 189 7.26 -7.56 16.78
CA GLN B 189 7.73 -8.69 17.57
C GLN B 189 8.69 -9.57 16.76
N THR B 190 8.23 -9.99 15.59
CA THR B 190 9.07 -10.80 14.71
C THR B 190 10.37 -10.08 14.36
N ALA B 191 10.33 -8.75 14.43
CA ALA B 191 11.50 -7.93 14.11
C ALA B 191 12.40 -7.71 15.32
N GLY B 192 12.02 -8.31 16.45
CA GLY B 192 12.79 -8.18 17.66
C GLY B 192 12.48 -6.92 18.45
N MET B 193 11.44 -6.20 18.03
CA MET B 193 11.02 -4.99 18.71
C MET B 193 10.03 -5.32 19.82
N ASP B 194 9.97 -4.46 20.83
CA ASP B 194 8.95 -4.54 21.85
C ASP B 194 7.66 -3.96 21.31
N PHE B 195 6.52 -4.41 21.84
CA PHE B 195 5.23 -3.84 21.48
C PHE B 195 4.25 -3.91 22.64
N ASP B 196 3.88 -2.74 23.16
CA ASP B 196 3.00 -2.64 24.32
C ASP B 196 1.55 -2.43 23.89
N SER B 197 0.79 -3.53 23.81
CA SER B 197 -0.62 -3.47 23.43
C SER B 197 -1.38 -2.44 24.26
N THR B 198 -0.82 -2.09 25.41
CA THR B 198 -1.39 -1.08 26.29
C THR B 198 -1.47 0.28 25.60
N GLN B 199 -0.59 0.51 24.63
CA GLN B 199 -0.50 1.81 23.97
C GLN B 199 -0.87 1.74 22.49
N ALA B 200 -1.53 0.66 22.10
CA ALA B 200 -1.81 0.40 20.69
C ALA B 200 -2.85 1.37 20.11
N HIS B 201 -3.59 2.04 20.98
CA HIS B 201 -4.63 2.97 20.52
C HIS B 201 -4.11 4.40 20.46
N SER B 202 -2.82 4.57 20.70
CA SER B 202 -2.20 5.89 20.65
C SER B 202 -1.50 6.13 19.31
N ALA B 203 -1.92 7.18 18.62
CA ALA B 203 -1.33 7.53 17.32
C ALA B 203 0.18 7.66 17.43
N LEU B 204 0.63 8.41 18.42
CA LEU B 204 2.07 8.63 18.64
C LEU B 204 2.82 7.31 18.77
N TYR B 205 2.36 6.46 19.68
CA TYR B 205 3.00 5.18 19.91
C TYR B 205 3.08 4.34 18.64
N ASP B 206 1.94 4.17 17.95
CA ASP B 206 1.91 3.41 16.71
C ASP B 206 2.87 4.00 15.68
N THR B 207 2.92 5.32 15.60
CA THR B 207 3.80 6.00 14.65
C THR B 207 5.27 5.71 14.94
N GLU B 208 5.64 5.70 16.22
CA GLU B 208 7.02 5.46 16.62
C GLU B 208 7.42 4.02 16.31
N ARG B 209 6.60 3.07 16.72
CA ARG B 209 6.84 1.65 16.45
C ARG B 209 6.95 1.42 14.94
N THR B 210 6.08 2.08 14.18
CA THR B 210 6.05 1.93 12.74
C THR B 210 7.26 2.56 12.07
N ALA B 211 7.76 3.65 12.66
CA ALA B 211 8.96 4.31 12.17
C ALA B 211 10.18 3.42 12.39
N VAL B 212 10.29 2.85 13.58
CA VAL B 212 11.40 1.95 13.90
C VAL B 212 11.33 0.70 13.03
N LEU B 213 10.12 0.19 12.85
CA LEU B 213 9.90 -0.99 12.01
C LEU B 213 10.37 -0.74 10.58
N PHE B 214 9.87 0.35 10.00
CA PHE B 214 10.21 0.72 8.64
C PHE B 214 11.73 0.89 8.49
N CYS B 215 12.33 1.62 9.41
CA CYS B 215 13.78 1.83 9.39
C CYS B 215 14.53 0.52 9.47
N GLU B 216 14.04 -0.39 10.30
CA GLU B 216 14.65 -1.71 10.44
C GLU B 216 14.57 -2.50 9.15
N ILE B 217 13.42 -2.43 8.49
CA ILE B 217 13.22 -3.16 7.23
C ILE B 217 14.16 -2.64 6.16
N VAL B 218 14.26 -1.33 6.04
CA VAL B 218 15.12 -0.71 5.03
C VAL B 218 16.60 -0.97 5.32
N ASN B 219 16.99 -0.77 6.58
CA ASN B 219 18.37 -0.99 6.98
C ASN B 219 18.80 -2.45 6.81
N ARG B 220 17.91 -3.37 7.14
CA ARG B 220 18.22 -4.80 7.01
C ARG B 220 18.42 -5.17 5.54
N TRP B 221 17.76 -4.43 4.66
CA TRP B 221 17.90 -4.65 3.22
C TRP B 221 19.29 -4.23 2.77
N LYS B 222 19.76 -3.09 3.29
CA LYS B 222 21.10 -2.60 3.01
C LYS B 222 22.15 -3.50 3.65
N ARG B 223 21.86 -3.95 4.87
CA ARG B 223 22.77 -4.81 5.61
C ARG B 223 23.07 -6.10 4.86
N LEU B 224 22.05 -6.70 4.26
CA LEU B 224 22.21 -7.98 3.58
C LEU B 224 22.74 -7.83 2.16
N GLY B 225 22.97 -6.60 1.73
CA GLY B 225 23.54 -6.34 0.43
C GLY B 225 22.52 -6.23 -0.68
N GLY B 226 21.30 -5.83 -0.31
CA GLY B 226 20.25 -5.60 -1.28
C GLY B 226 20.32 -4.19 -1.81
N TRP B 227 20.94 -3.31 -1.03
CA TRP B 227 21.10 -1.91 -1.40
C TRP B 227 22.48 -1.40 -0.97
N PRO B 228 23.10 -0.58 -1.82
CA PRO B 228 22.55 -0.24 -3.14
C PRO B 228 22.62 -1.41 -4.11
N LEU B 229 22.03 -1.26 -5.28
CA LEU B 229 21.87 -2.35 -6.23
C LEU B 229 23.20 -2.93 -6.72
N SER B 230 24.29 -2.18 -6.56
CA SER B 230 25.59 -2.62 -7.03
C SER B 230 26.34 -3.41 -5.96
N ALA B 231 25.80 -3.43 -4.74
CA ALA B 231 26.47 -4.06 -3.62
C ALA B 231 26.62 -5.58 -3.79
N ALA B 232 25.57 -6.21 -4.30
CA ALA B 232 25.53 -7.66 -4.45
C ALA B 232 26.74 -8.22 -5.21
N GLU B 233 27.13 -7.52 -6.28
CA GLU B 233 28.21 -8.01 -7.13
C GLU B 233 29.58 -7.61 -6.62
N GLU B 234 29.66 -6.51 -5.89
CA GLU B 234 30.94 -6.03 -5.37
C GLU B 234 31.35 -6.78 -4.12
N VAL B 235 31.78 -8.03 -4.29
CA VAL B 235 32.24 -8.86 -3.18
C VAL B 235 33.36 -9.79 -3.61
MG MG E . -2.69 -0.17 -12.88
MG MG F . -3.13 3.02 12.53
CO CO G . -6.15 12.79 27.02
#